data_4Q5F
#
_entry.id   4Q5F
#
_cell.length_a   56.784
_cell.length_b   88.031
_cell.length_c   97.228
_cell.angle_alpha   90.00
_cell.angle_beta   90.00
_cell.angle_gamma   90.00
#
_symmetry.space_group_name_H-M   'P 21 21 21'
#
loop_
_entity.id
_entity.type
_entity.pdbx_description
1 polymer 'Glutathione S-transferase 1'
2 non-polymer GLUTATHIONE
3 water water
#
_entity_poly.entity_id   1
_entity_poly.type   'polypeptide(L)'
_entity_poly.pdbx_seq_one_letter_code
;MRGSHHHHHHGSMPQYKLTYFDIRGLGEGARLIFHQAGVKFEDNRLKREDWPALKPKTPFGQLPLLEVDGEVLAQSAAIY
RYLGRQFGLAGKTPMEEAQVDSIFDQFKDFMAELRPCFRVLAGFEEGDKEKVLKEVAVPARDKHLPLLEKFLAKSGSEYM
VGKSVTWADLVITDSLASWESLIPDFLSGHLQLKKYIEHVRELPNIKKWIAERPKTPY
;
_entity_poly.pdbx_strand_id   A,D
#
loop_
_chem_comp.id
_chem_comp.type
_chem_comp.name
_chem_comp.formula
GSH non-polymer GLUTATHIONE 'C10 H17 N3 O6 S'
#
# COMPACT_ATOMS: atom_id res chain seq x y z
N PRO A 14 -9.77 -25.15 -6.67
CA PRO A 14 -9.47 -23.99 -5.81
C PRO A 14 -10.75 -23.28 -5.35
N GLN A 15 -11.13 -23.48 -4.08
CA GLN A 15 -12.31 -22.86 -3.53
C GLN A 15 -11.99 -21.46 -3.01
N TYR A 16 -12.65 -20.46 -3.57
CA TYR A 16 -12.43 -19.07 -3.17
C TYR A 16 -13.56 -18.57 -2.27
N LYS A 17 -13.20 -18.00 -1.13
CA LYS A 17 -14.16 -17.42 -0.20
C LYS A 17 -13.71 -16.03 0.24
N LEU A 18 -14.50 -15.02 -0.11
CA LEU A 18 -14.23 -13.65 0.31
C LEU A 18 -15.12 -13.28 1.48
N THR A 19 -14.50 -12.80 2.56
CA THR A 19 -15.23 -12.36 3.74
C THR A 19 -15.10 -10.86 3.91
N TYR A 20 -16.25 -10.17 3.97
CA TYR A 20 -16.30 -8.73 4.18
C TYR A 20 -17.71 -8.37 4.63
N PHE A 21 -17.96 -7.09 4.87
CA PHE A 21 -19.29 -6.65 5.29
C PHE A 21 -20.22 -6.47 4.10
N ASP A 22 -21.48 -6.11 4.38
CA ASP A 22 -22.51 -6.01 3.34
C ASP A 22 -22.18 -4.96 2.29
N ILE A 23 -21.49 -3.90 2.71
CA ILE A 23 -21.19 -2.77 1.84
C ILE A 23 -20.07 -3.07 0.86
N ARG A 24 -19.89 -2.17 -0.10
CA ARG A 24 -18.85 -2.35 -1.12
C ARG A 24 -17.47 -2.14 -0.50
N GLY A 25 -17.18 -0.90 -0.11
CA GLY A 25 -15.96 -0.57 0.60
C GLY A 25 -14.70 -1.14 -0.01
N LEU A 26 -13.90 -1.81 0.82
CA LEU A 26 -12.64 -2.40 0.38
C LEU A 26 -12.84 -3.77 -0.25
N GLY A 27 -13.95 -4.42 0.06
CA GLY A 27 -14.20 -5.77 -0.42
C GLY A 27 -14.61 -5.80 -1.88
N GLU A 28 -15.20 -4.70 -2.35
CA GLU A 28 -15.73 -4.64 -3.71
C GLU A 28 -14.64 -4.90 -4.75
N GLY A 29 -13.42 -4.48 -4.44
CA GLY A 29 -12.29 -4.67 -5.33
C GLY A 29 -12.10 -6.14 -5.68
N ALA A 30 -12.24 -7.01 -4.69
CA ALA A 30 -12.09 -8.45 -4.89
C ALA A 30 -13.22 -8.98 -5.75
N ARG A 31 -14.44 -8.58 -5.43
CA ARG A 31 -15.62 -9.03 -6.15
C ARG A 31 -15.51 -8.70 -7.64
N LEU A 32 -15.09 -7.48 -7.94
CA LEU A 32 -14.95 -7.03 -9.31
C LEU A 32 -13.90 -7.85 -10.07
N ILE A 33 -12.82 -8.21 -9.39
CA ILE A 33 -11.76 -8.98 -10.00
C ILE A 33 -12.24 -10.40 -10.31
N PHE A 34 -13.02 -10.98 -9.39
CA PHE A 34 -13.61 -12.29 -9.62
C PHE A 34 -14.53 -12.28 -10.84
N HIS A 35 -15.48 -11.35 -10.85
CA HIS A 35 -16.49 -11.30 -11.89
C HIS A 35 -15.89 -11.03 -13.27
N GLN A 36 -14.90 -10.16 -13.33
CA GLN A 36 -14.23 -9.87 -14.59
C GLN A 36 -13.58 -11.13 -15.16
N ALA A 37 -13.05 -11.96 -14.28
CA ALA A 37 -12.37 -13.20 -14.70
C ALA A 37 -13.33 -14.37 -14.78
N GLY A 38 -14.60 -14.13 -14.46
CA GLY A 38 -15.62 -15.16 -14.53
C GLY A 38 -15.37 -16.31 -13.58
N VAL A 39 -14.57 -16.07 -12.54
CA VAL A 39 -14.26 -17.10 -11.55
C VAL A 39 -15.30 -17.08 -10.43
N LYS A 40 -15.72 -18.27 -10.01
CA LYS A 40 -16.73 -18.41 -8.97
C LYS A 40 -16.11 -18.34 -7.58
N PHE A 41 -16.83 -17.71 -6.65
CA PHE A 41 -16.34 -17.56 -5.28
C PHE A 41 -17.51 -17.35 -4.33
N GLU A 42 -17.34 -17.76 -3.08
CA GLU A 42 -18.34 -17.49 -2.06
C GLU A 42 -18.21 -16.05 -1.58
N ASP A 43 -19.19 -15.23 -1.93
CA ASP A 43 -19.20 -13.83 -1.53
C ASP A 43 -19.81 -13.71 -0.15
N ASN A 44 -19.04 -14.05 0.88
CA ASN A 44 -19.53 -14.10 2.24
C ASN A 44 -19.62 -12.71 2.88
N ARG A 45 -20.85 -12.17 2.92
CA ARG A 45 -21.08 -10.87 3.52
C ARG A 45 -21.54 -11.02 4.97
N LEU A 46 -20.75 -10.47 5.88
CA LEU A 46 -20.88 -10.75 7.30
C LEU A 46 -21.80 -9.76 8.02
N LYS A 47 -22.67 -10.30 8.88
CA LYS A 47 -23.52 -9.47 9.73
C LYS A 47 -22.69 -8.87 10.86
N ARG A 48 -23.06 -7.66 11.28
CA ARG A 48 -22.43 -7.01 12.43
C ARG A 48 -22.47 -7.92 13.64
N GLU A 49 -23.57 -8.66 13.76
CA GLU A 49 -23.80 -9.59 14.85
C GLU A 49 -22.68 -10.61 14.99
N ASP A 50 -22.01 -10.93 13.88
CA ASP A 50 -21.00 -11.97 13.86
C ASP A 50 -19.57 -11.43 13.92
N TRP A 51 -19.42 -10.11 13.87
CA TRP A 51 -18.07 -9.52 13.83
C TRP A 51 -17.27 -9.70 15.13
N PRO A 52 -17.93 -9.55 16.29
CA PRO A 52 -17.18 -9.69 17.54
C PRO A 52 -16.54 -11.07 17.74
N ALA A 53 -17.18 -12.11 17.24
CA ALA A 53 -16.66 -13.48 17.40
C ALA A 53 -15.54 -13.76 16.40
N LEU A 54 -15.64 -13.17 15.22
CA LEU A 54 -14.67 -13.42 14.16
C LEU A 54 -13.39 -12.62 14.35
N LYS A 55 -13.55 -11.35 14.74
CA LYS A 55 -12.44 -10.39 14.80
C LYS A 55 -11.15 -10.92 15.42
N PRO A 56 -11.25 -11.57 16.60
CA PRO A 56 -10.01 -12.02 17.24
C PRO A 56 -9.39 -13.20 16.49
N LYS A 57 -10.20 -13.88 15.69
CA LYS A 57 -9.75 -15.07 14.97
C LYS A 57 -9.16 -14.70 13.61
N THR A 58 -9.07 -13.39 13.32
CA THR A 58 -8.49 -12.92 12.07
C THR A 58 -7.04 -12.48 12.28
N PRO A 59 -6.26 -12.39 11.19
CA PRO A 59 -4.85 -12.02 11.29
C PRO A 59 -4.60 -10.65 11.93
N PHE A 60 -5.29 -9.62 11.45
CA PHE A 60 -5.04 -8.24 11.91
C PHE A 60 -6.28 -7.61 12.55
N GLY A 61 -7.33 -8.40 12.75
CA GLY A 61 -8.53 -7.91 13.41
C GLY A 61 -9.44 -7.11 12.48
N GLN A 62 -9.29 -7.31 11.18
CA GLN A 62 -10.05 -6.56 10.19
C GLN A 62 -10.43 -7.37 8.95
N LEU A 63 -11.42 -6.87 8.23
CA LEU A 63 -11.82 -7.43 6.94
C LEU A 63 -11.38 -6.43 5.86
N PRO A 64 -11.27 -6.89 4.60
CA PRO A 64 -11.66 -8.19 4.07
C PRO A 64 -10.64 -9.29 4.31
N LEU A 65 -11.09 -10.52 4.15
CA LEU A 65 -10.24 -11.69 4.14
C LEU A 65 -10.58 -12.53 2.92
N LEU A 66 -9.55 -13.05 2.26
CA LEU A 66 -9.71 -14.05 1.22
C LEU A 66 -9.10 -15.33 1.74
N GLU A 67 -9.88 -16.41 1.73
CA GLU A 67 -9.31 -17.73 2.00
C GLU A 67 -9.45 -18.63 0.78
N VAL A 68 -8.35 -19.30 0.45
CA VAL A 68 -8.30 -20.18 -0.70
C VAL A 68 -7.83 -21.56 -0.25
N ASP A 69 -8.69 -22.55 -0.43
CA ASP A 69 -8.45 -23.91 0.08
C ASP A 69 -8.02 -23.89 1.55
N GLY A 70 -8.69 -23.05 2.35
CA GLY A 70 -8.50 -23.05 3.78
C GLY A 70 -7.52 -22.01 4.34
N GLU A 71 -6.59 -21.53 3.51
CA GLU A 71 -5.57 -20.59 3.96
C GLU A 71 -6.03 -19.14 3.82
N VAL A 72 -5.84 -18.36 4.89
CA VAL A 72 -6.39 -17.00 4.98
C VAL A 72 -5.40 -15.94 4.53
N LEU A 73 -5.87 -15.04 3.66
CA LEU A 73 -5.09 -13.89 3.20
C LEU A 73 -5.79 -12.60 3.60
N ALA A 74 -5.08 -11.73 4.32
CA ALA A 74 -5.64 -10.45 4.76
C ALA A 74 -5.11 -9.30 3.91
N GLN A 75 -5.63 -8.10 4.16
CA GLN A 75 -5.22 -6.86 3.48
C GLN A 75 -5.71 -6.79 2.04
N SER A 76 -6.62 -5.85 1.81
CA SER A 76 -7.31 -5.69 0.51
C SER A 76 -6.37 -5.64 -0.69
N ALA A 77 -5.35 -4.79 -0.63
CA ALA A 77 -4.45 -4.62 -1.76
C ALA A 77 -3.70 -5.91 -2.08
N ALA A 78 -3.30 -6.63 -1.04
CA ALA A 78 -2.63 -7.92 -1.22
C ALA A 78 -3.60 -8.92 -1.84
N ILE A 79 -4.88 -8.77 -1.52
CA ILE A 79 -5.92 -9.62 -2.08
C ILE A 79 -6.14 -9.27 -3.56
N TYR A 80 -6.17 -7.98 -3.87
CA TYR A 80 -6.35 -7.55 -5.26
C TYR A 80 -5.25 -8.12 -6.14
N ARG A 81 -4.00 -7.94 -5.71
CA ARG A 81 -2.84 -8.31 -6.50
C ARG A 81 -2.74 -9.83 -6.64
N TYR A 82 -3.00 -10.55 -5.56
CA TYR A 82 -2.96 -12.01 -5.61
C TYR A 82 -3.96 -12.54 -6.63
N LEU A 83 -5.19 -12.05 -6.56
CA LEU A 83 -6.23 -12.49 -7.49
C LEU A 83 -5.91 -12.08 -8.92
N GLY A 84 -5.45 -10.84 -9.08
CA GLY A 84 -5.12 -10.32 -10.40
C GLY A 84 -4.06 -11.15 -11.09
N ARG A 85 -3.04 -11.57 -10.34
CA ARG A 85 -1.97 -12.39 -10.90
C ARG A 85 -2.47 -13.79 -11.25
N GLN A 86 -3.42 -14.31 -10.47
CA GLN A 86 -3.98 -15.62 -10.73
C GLN A 86 -4.78 -15.65 -12.02
N PHE A 87 -5.43 -14.53 -12.34
CA PHE A 87 -6.36 -14.48 -13.47
C PHE A 87 -5.78 -13.69 -14.65
N GLY A 88 -4.48 -13.46 -14.64
CA GLY A 88 -3.82 -12.72 -15.70
C GLY A 88 -4.34 -11.30 -15.83
N LEU A 89 -4.66 -10.70 -14.69
CA LEU A 89 -5.16 -9.32 -14.64
C LEU A 89 -4.19 -8.41 -13.89
N ALA A 90 -2.93 -8.82 -13.83
CA ALA A 90 -1.93 -8.11 -13.02
C ALA A 90 -0.93 -7.33 -13.88
N GLY A 91 -0.90 -7.61 -15.17
CA GLY A 91 0.10 -7.05 -16.07
C GLY A 91 0.73 -8.15 -16.88
N LYS A 92 1.32 -7.79 -18.01
CA LYS A 92 1.84 -8.78 -18.95
C LYS A 92 3.34 -9.03 -18.80
N THR A 93 4.00 -8.17 -18.01
CA THR A 93 5.42 -8.34 -17.73
C THR A 93 5.71 -7.85 -16.32
N PRO A 94 6.87 -8.24 -15.75
CA PRO A 94 7.22 -7.81 -14.39
C PRO A 94 7.17 -6.30 -14.21
N MET A 95 7.58 -5.55 -15.24
CA MET A 95 7.57 -4.09 -15.16
C MET A 95 6.15 -3.56 -15.26
N GLU A 96 5.33 -4.17 -16.12
CA GLU A 96 3.93 -3.78 -16.24
C GLU A 96 3.21 -4.04 -14.91
N GLU A 97 3.55 -5.14 -14.26
CA GLU A 97 2.95 -5.48 -12.97
C GLU A 97 3.32 -4.43 -11.92
N ALA A 98 4.59 -4.05 -11.91
CA ALA A 98 5.06 -3.04 -10.97
C ALA A 98 4.39 -1.70 -11.25
N GLN A 99 4.13 -1.42 -12.53
CA GLN A 99 3.47 -0.18 -12.93
C GLN A 99 2.00 -0.18 -12.48
N VAL A 100 1.36 -1.35 -12.52
CA VAL A 100 0.00 -1.48 -12.01
C VAL A 100 0.00 -1.17 -10.50
N ASP A 101 0.99 -1.69 -9.79
CA ASP A 101 1.13 -1.43 -8.36
C ASP A 101 1.35 0.06 -8.10
N SER A 102 2.13 0.69 -8.96
CA SER A 102 2.52 2.08 -8.76
C SER A 102 1.34 3.03 -8.86
N ILE A 103 0.53 2.87 -9.89
CA ILE A 103 -0.61 3.76 -10.09
C ILE A 103 -1.65 3.53 -8.99
N PHE A 104 -1.76 2.29 -8.54
CA PHE A 104 -2.70 1.96 -7.47
C PHE A 104 -2.24 2.54 -6.13
N ASP A 105 -0.92 2.53 -5.91
CA ASP A 105 -0.36 3.10 -4.69
C ASP A 105 -0.57 4.61 -4.69
N GLN A 106 -0.50 5.23 -5.86
CA GLN A 106 -0.77 6.66 -5.97
C GLN A 106 -2.24 6.90 -5.69
N PHE A 107 -3.08 5.96 -6.11
CA PHE A 107 -4.51 6.05 -5.85
C PHE A 107 -4.83 5.91 -4.37
N LYS A 108 -4.06 5.06 -3.67
CA LYS A 108 -4.28 4.88 -2.23
C LYS A 108 -3.89 6.15 -1.46
N ASP A 109 -2.86 6.84 -1.93
CA ASP A 109 -2.44 8.10 -1.33
C ASP A 109 -3.56 9.13 -1.43
N PHE A 110 -4.22 9.15 -2.58
CA PHE A 110 -5.36 10.03 -2.81
C PHE A 110 -6.49 9.67 -1.83
N MET A 111 -6.78 8.39 -1.72
CA MET A 111 -7.84 7.91 -0.83
C MET A 111 -7.50 8.18 0.63
N ALA A 112 -6.21 8.14 0.97
CA ALA A 112 -5.76 8.39 2.33
C ALA A 112 -6.14 9.79 2.79
N GLU A 113 -6.29 10.70 1.84
CA GLU A 113 -6.71 12.07 2.14
C GLU A 113 -8.21 12.12 2.42
N LEU A 114 -8.98 11.37 1.63
CA LEU A 114 -10.43 11.48 1.64
C LEU A 114 -11.13 10.56 2.64
N ARG A 115 -10.73 9.29 2.65
CA ARG A 115 -11.42 8.28 3.45
C ARG A 115 -11.58 8.65 4.93
N PRO A 116 -10.55 9.26 5.54
CA PRO A 116 -10.70 9.76 6.92
C PRO A 116 -11.81 10.80 7.08
N CYS A 117 -12.27 11.38 5.97
CA CYS A 117 -13.30 12.43 6.01
C CYS A 117 -14.63 11.94 5.44
N PHE A 118 -14.75 10.63 5.27
CA PHE A 118 -15.93 10.03 4.65
C PHE A 118 -17.17 10.14 5.54
N ARG A 119 -17.02 9.84 6.83
CA ARG A 119 -18.15 9.77 7.74
C ARG A 119 -18.82 11.12 7.97
N VAL A 120 -18.02 12.19 8.02
CA VAL A 120 -18.58 13.55 8.13
C VAL A 120 -19.27 13.91 6.81
N LEU A 121 -18.60 13.68 5.69
CA LEU A 121 -19.18 13.97 4.39
C LEU A 121 -20.47 13.17 4.17
N ALA A 122 -20.52 11.98 4.75
CA ALA A 122 -21.69 11.12 4.63
C ALA A 122 -22.75 11.43 5.68
N GLY A 123 -22.32 11.99 6.80
CA GLY A 123 -23.23 12.40 7.85
C GLY A 123 -23.33 11.43 9.00
N PHE A 124 -22.46 10.44 9.03
CA PHE A 124 -22.45 9.45 10.10
C PHE A 124 -21.82 10.01 11.37
N GLU A 125 -21.04 11.07 11.22
CA GLU A 125 -20.39 11.74 12.33
C GLU A 125 -20.57 13.25 12.20
N GLU A 126 -20.63 13.95 13.33
CA GLU A 126 -20.88 15.38 13.33
C GLU A 126 -19.67 16.16 12.81
N GLY A 127 -19.94 17.20 12.03
CA GLY A 127 -18.89 18.04 11.49
C GLY A 127 -19.43 18.95 10.39
N ASP A 128 -18.65 19.98 10.05
CA ASP A 128 -19.05 20.90 8.99
C ASP A 128 -18.67 20.31 7.63
N LYS A 129 -19.69 19.89 6.88
CA LYS A 129 -19.47 19.30 5.57
C LYS A 129 -18.82 20.30 4.61
N GLU A 130 -19.28 21.56 4.65
CA GLU A 130 -18.75 22.57 3.75
C GLU A 130 -17.25 22.77 3.98
N LYS A 131 -16.85 22.95 5.24
CA LYS A 131 -15.45 23.19 5.57
C LYS A 131 -14.56 22.04 5.09
N VAL A 132 -15.03 20.81 5.29
CA VAL A 132 -14.27 19.63 4.89
C VAL A 132 -14.07 19.61 3.38
N LEU A 133 -15.12 19.97 2.62
CA LEU A 133 -15.02 20.01 1.18
C LEU A 133 -13.92 20.97 0.72
N LYS A 134 -13.97 22.20 1.23
CA LYS A 134 -13.07 23.24 0.77
C LYS A 134 -11.64 23.04 1.27
N GLU A 135 -11.51 22.55 2.50
CA GLU A 135 -10.19 22.47 3.15
C GLU A 135 -9.48 21.12 2.97
N VAL A 136 -10.22 20.08 2.59
CA VAL A 136 -9.63 18.75 2.43
C VAL A 136 -9.98 18.08 1.10
N ALA A 137 -11.27 17.91 0.83
CA ALA A 137 -11.72 17.16 -0.33
C ALA A 137 -11.27 17.81 -1.65
N VAL A 138 -11.66 19.06 -1.86
CA VAL A 138 -11.37 19.75 -3.12
C VAL A 138 -9.86 19.87 -3.36
N PRO A 139 -9.08 20.25 -2.33
CA PRO A 139 -7.61 20.25 -2.49
C PRO A 139 -7.06 18.89 -2.90
N ALA A 140 -7.49 17.83 -2.21
CA ALA A 140 -7.03 16.48 -2.51
C ALA A 140 -7.36 16.11 -3.95
N ARG A 141 -8.57 16.44 -4.36
CA ARG A 141 -9.01 16.19 -5.72
C ARG A 141 -8.11 16.89 -6.73
N ASP A 142 -7.88 18.18 -6.51
CA ASP A 142 -7.13 19.00 -7.46
C ASP A 142 -5.67 18.57 -7.58
N LYS A 143 -5.13 18.00 -6.50
CA LYS A 143 -3.76 17.51 -6.54
C LYS A 143 -3.67 16.19 -7.30
N HIS A 144 -4.59 15.27 -7.00
CA HIS A 144 -4.44 13.88 -7.40
C HIS A 144 -5.03 13.51 -8.76
N LEU A 145 -6.21 14.04 -9.10
CA LEU A 145 -6.84 13.69 -10.36
C LEU A 145 -5.94 13.95 -11.58
N PRO A 146 -5.24 15.09 -11.60
CA PRO A 146 -4.33 15.34 -12.73
C PRO A 146 -3.22 14.30 -12.81
N LEU A 147 -2.77 13.82 -11.66
CA LEU A 147 -1.71 12.81 -11.62
C LEU A 147 -2.20 11.48 -12.20
N LEU A 148 -3.43 11.10 -11.84
CA LEU A 148 -4.03 9.88 -12.39
C LEU A 148 -4.27 10.06 -13.88
N GLU A 149 -4.78 11.23 -14.26
CA GLU A 149 -5.09 11.52 -15.65
C GLU A 149 -3.82 11.55 -16.49
N LYS A 150 -2.75 12.09 -15.91
CA LYS A 150 -1.44 12.14 -16.57
C LYS A 150 -0.93 10.72 -16.83
N PHE A 151 -1.04 9.85 -15.83
CA PHE A 151 -0.58 8.48 -15.94
C PHE A 151 -1.36 7.74 -17.02
N LEU A 152 -2.67 7.96 -17.02
CA LEU A 152 -3.55 7.35 -18.01
C LEU A 152 -3.21 7.86 -19.41
N ALA A 153 -2.85 9.13 -19.50
CA ALA A 153 -2.58 9.78 -20.78
C ALA A 153 -1.34 9.21 -21.44
N LYS A 154 -0.34 8.87 -20.64
CA LYS A 154 0.91 8.32 -21.15
C LYS A 154 0.72 6.90 -21.67
N SER A 155 -0.40 6.29 -21.31
CA SER A 155 -0.63 4.88 -21.62
C SER A 155 -0.92 4.65 -23.10
N GLY A 156 -1.68 5.57 -23.70
CA GLY A 156 -2.10 5.43 -25.09
C GLY A 156 -3.35 4.58 -25.21
N SER A 157 -3.34 3.43 -24.54
CA SER A 157 -4.52 2.60 -24.41
C SER A 157 -5.53 3.28 -23.51
N GLU A 158 -6.66 2.62 -23.28
CA GLU A 158 -7.72 3.20 -22.46
C GLU A 158 -7.54 2.84 -20.99
N TYR A 159 -6.49 2.07 -20.68
CA TYR A 159 -6.23 1.64 -19.31
C TYR A 159 -4.95 2.29 -18.78
N MET A 160 -4.74 2.17 -17.47
CA MET A 160 -3.58 2.75 -16.83
C MET A 160 -2.29 2.11 -17.33
N VAL A 161 -2.36 0.80 -17.56
CA VAL A 161 -1.18 0.02 -17.96
C VAL A 161 -1.57 -1.00 -19.02
N GLY A 162 -0.72 -1.15 -20.03
CA GLY A 162 -0.92 -2.14 -21.07
C GLY A 162 -2.15 -1.87 -21.91
N LYS A 163 -2.60 -2.89 -22.65
CA LYS A 163 -3.67 -2.73 -23.63
C LYS A 163 -4.99 -3.36 -23.16
N SER A 164 -4.95 -4.05 -22.02
CA SER A 164 -6.14 -4.67 -21.46
C SER A 164 -6.32 -4.25 -20.00
N VAL A 165 -7.51 -4.53 -19.46
CA VAL A 165 -7.85 -4.11 -18.10
C VAL A 165 -7.05 -4.88 -17.07
N THR A 166 -6.70 -4.20 -15.96
CA THR A 166 -6.00 -4.82 -14.85
C THR A 166 -6.80 -4.62 -13.57
N TRP A 167 -6.40 -5.31 -12.50
CA TRP A 167 -7.12 -5.22 -11.23
C TRP A 167 -7.15 -3.79 -10.70
N ALA A 168 -6.11 -3.02 -11.00
CA ALA A 168 -6.04 -1.63 -10.54
C ALA A 168 -7.11 -0.78 -11.22
N ASP A 169 -7.35 -1.03 -12.51
CA ASP A 169 -8.38 -0.30 -13.24
C ASP A 169 -9.74 -0.55 -12.61
N LEU A 170 -10.01 -1.81 -12.28
CA LEU A 170 -11.31 -2.21 -11.76
C LEU A 170 -11.61 -1.57 -10.40
N VAL A 171 -10.59 -1.51 -9.54
CA VAL A 171 -10.77 -0.96 -8.20
C VAL A 171 -10.81 0.57 -8.24
N ILE A 172 -9.93 1.17 -9.04
CA ILE A 172 -9.85 2.63 -9.14
C ILE A 172 -11.16 3.22 -9.66
N THR A 173 -11.59 2.74 -10.82
CA THR A 173 -12.78 3.30 -11.47
C THR A 173 -14.02 3.11 -10.61
N ASP A 174 -14.11 1.96 -9.93
CA ASP A 174 -15.25 1.69 -9.06
C ASP A 174 -15.28 2.65 -7.87
N SER A 175 -14.11 2.89 -7.29
CA SER A 175 -14.00 3.78 -6.15
C SER A 175 -14.28 5.23 -6.54
N LEU A 176 -13.70 5.67 -7.66
CA LEU A 176 -13.91 7.03 -8.15
C LEU A 176 -15.39 7.28 -8.42
N ALA A 177 -16.08 6.24 -8.89
CA ALA A 177 -17.50 6.35 -9.20
C ALA A 177 -18.33 6.59 -7.95
N SER A 178 -17.96 5.93 -6.85
CA SER A 178 -18.68 6.06 -5.60
C SER A 178 -18.52 7.45 -5.00
N TRP A 179 -17.32 8.02 -5.15
CA TRP A 179 -17.01 9.31 -4.52
C TRP A 179 -17.65 10.50 -5.24
N GLU A 180 -18.18 10.27 -6.44
CA GLU A 180 -18.94 11.31 -7.13
C GLU A 180 -20.08 11.79 -6.25
N SER A 181 -20.75 10.83 -5.62
CA SER A 181 -21.88 11.12 -4.74
C SER A 181 -21.51 12.10 -3.62
N LEU A 182 -20.43 11.81 -2.90
CA LEU A 182 -20.11 12.55 -1.69
C LEU A 182 -19.34 13.85 -1.93
N ILE A 183 -18.89 14.08 -3.16
CA ILE A 183 -18.16 15.30 -3.47
C ILE A 183 -18.79 16.01 -4.67
N PRO A 184 -19.26 17.26 -4.49
CA PRO A 184 -19.89 18.00 -5.58
C PRO A 184 -18.96 18.17 -6.78
N ASP A 185 -19.44 17.86 -7.97
CA ASP A 185 -18.65 18.01 -9.19
C ASP A 185 -17.29 17.35 -9.05
N PHE A 186 -17.29 16.13 -8.49
CA PHE A 186 -16.05 15.45 -8.14
C PHE A 186 -15.12 15.20 -9.33
N LEU A 187 -15.68 15.12 -10.53
CA LEU A 187 -14.91 14.79 -11.73
C LEU A 187 -15.16 15.79 -12.86
N SER A 188 -15.57 17.00 -12.48
CA SER A 188 -15.98 18.04 -13.43
C SER A 188 -14.97 18.25 -14.57
N GLY A 189 -13.77 18.69 -14.23
CA GLY A 189 -12.79 19.12 -15.22
C GLY A 189 -11.86 18.03 -15.69
N HIS A 190 -12.37 16.80 -15.77
CA HIS A 190 -11.56 15.64 -16.13
C HIS A 190 -12.32 14.69 -17.05
N LEU A 191 -12.54 15.11 -18.29
CA LEU A 191 -13.28 14.32 -19.26
C LEU A 191 -12.60 12.98 -19.52
N GLN A 192 -11.27 12.98 -19.51
CA GLN A 192 -10.50 11.77 -19.75
C GLN A 192 -10.74 10.72 -18.67
N LEU A 193 -10.85 11.15 -17.42
CA LEU A 193 -11.05 10.23 -16.31
C LEU A 193 -12.46 9.63 -16.34
N LYS A 194 -13.45 10.46 -16.67
CA LYS A 194 -14.83 9.99 -16.75
C LYS A 194 -14.98 8.94 -17.84
N LYS A 195 -14.40 9.21 -19.00
CA LYS A 195 -14.47 8.30 -20.14
C LYS A 195 -13.82 6.96 -19.79
N TYR A 196 -12.72 7.04 -19.05
CA TYR A 196 -11.98 5.87 -18.62
C TYR A 196 -12.79 5.07 -17.60
N ILE A 197 -13.46 5.77 -16.70
CA ILE A 197 -14.32 5.13 -15.71
C ILE A 197 -15.48 4.44 -16.40
N GLU A 198 -16.05 5.10 -17.41
CA GLU A 198 -17.15 4.51 -18.16
C GLU A 198 -16.66 3.25 -18.85
N HIS A 199 -15.60 3.39 -19.64
CA HIS A 199 -15.05 2.29 -20.43
C HIS A 199 -14.78 1.03 -19.62
N VAL A 200 -14.10 1.18 -18.48
CA VAL A 200 -13.79 0.03 -17.64
C VAL A 200 -15.07 -0.60 -17.12
N ARG A 201 -16.07 0.23 -16.84
CA ARG A 201 -17.35 -0.25 -16.33
C ARG A 201 -18.31 -0.60 -17.46
N GLU A 202 -17.87 -0.45 -18.71
CA GLU A 202 -18.63 -0.94 -19.85
C GLU A 202 -18.42 -2.43 -20.04
N LEU A 203 -17.25 -2.94 -19.63
CA LEU A 203 -16.89 -4.34 -19.83
C LEU A 203 -18.03 -5.26 -19.41
N PRO A 204 -18.42 -6.21 -20.28
CA PRO A 204 -19.60 -7.06 -20.05
C PRO A 204 -19.76 -7.58 -18.63
N ASN A 205 -18.75 -8.28 -18.11
CA ASN A 205 -18.83 -8.84 -16.76
C ASN A 205 -19.01 -7.77 -15.69
N ILE A 206 -18.37 -6.61 -15.90
CA ILE A 206 -18.45 -5.53 -14.92
C ILE A 206 -19.81 -4.85 -14.97
N LYS A 207 -20.25 -4.48 -16.17
CA LYS A 207 -21.57 -3.90 -16.35
C LYS A 207 -22.63 -4.83 -15.76
N LYS A 208 -22.44 -6.12 -15.99
CA LYS A 208 -23.34 -7.15 -15.48
C LYS A 208 -23.37 -7.16 -13.94
N TRP A 209 -22.19 -7.23 -13.33
CA TRP A 209 -22.10 -7.30 -11.87
C TRP A 209 -22.63 -6.03 -11.21
N ILE A 210 -22.33 -4.89 -11.82
CA ILE A 210 -22.83 -3.60 -11.34
C ILE A 210 -24.35 -3.62 -11.26
N ALA A 211 -24.98 -4.31 -12.20
CA ALA A 211 -26.43 -4.37 -12.26
C ALA A 211 -26.99 -5.36 -11.23
N GLU A 212 -26.26 -6.44 -10.98
CA GLU A 212 -26.74 -7.51 -10.11
C GLU A 212 -26.40 -7.28 -8.65
N ARG A 213 -25.36 -6.50 -8.37
CA ARG A 213 -24.86 -6.39 -7.00
C ARG A 213 -25.83 -5.67 -6.07
N PRO A 214 -25.78 -5.98 -4.78
CA PRO A 214 -26.69 -5.37 -3.80
C PRO A 214 -26.57 -3.85 -3.77
N LYS A 215 -27.70 -3.16 -3.81
CA LYS A 215 -27.71 -1.70 -3.81
C LYS A 215 -27.32 -1.14 -2.46
N THR A 216 -26.04 -0.81 -2.30
CA THR A 216 -25.56 -0.08 -1.13
C THR A 216 -25.08 1.29 -1.58
N PRO A 217 -25.03 2.25 -0.66
CA PRO A 217 -24.63 3.61 -1.04
C PRO A 217 -23.12 3.73 -1.20
N TYR A 218 -22.39 2.80 -0.58
CA TYR A 218 -20.94 2.83 -0.57
C TYR A 218 -20.37 1.46 -0.22
N MET B 13 21.51 -8.88 -17.07
CA MET B 13 22.46 -7.85 -16.67
C MET B 13 21.82 -6.46 -16.81
N PRO B 14 20.95 -6.10 -15.87
CA PRO B 14 20.19 -4.84 -15.93
C PRO B 14 20.82 -3.74 -15.08
N GLN B 15 20.58 -2.49 -15.48
CA GLN B 15 21.18 -1.33 -14.81
C GLN B 15 20.16 -0.59 -13.95
N TYR B 16 20.52 -0.35 -12.69
CA TYR B 16 19.61 0.21 -11.70
C TYR B 16 20.08 1.58 -11.17
N LYS B 17 19.17 2.54 -11.17
CA LYS B 17 19.41 3.84 -10.54
C LYS B 17 18.26 4.20 -9.60
N LEU B 18 18.58 4.38 -8.32
CA LEU B 18 17.61 4.77 -7.31
C LEU B 18 17.79 6.24 -6.99
N THR B 19 16.71 7.01 -7.13
CA THR B 19 16.73 8.45 -6.85
C THR B 19 15.91 8.76 -5.61
N TYR B 20 16.58 9.24 -4.57
CA TYR B 20 15.93 9.62 -3.32
C TYR B 20 16.76 10.71 -2.65
N PHE B 21 16.23 11.27 -1.56
CA PHE B 21 16.96 12.29 -0.82
C PHE B 21 18.05 11.66 0.03
N ASP B 22 18.85 12.49 0.69
CA ASP B 22 20.01 12.04 1.46
C ASP B 22 19.60 11.09 2.57
N ILE B 23 18.45 11.35 3.17
CA ILE B 23 17.95 10.57 4.30
C ILE B 23 17.67 9.12 3.92
N ARG B 24 17.46 8.29 4.94
CA ARG B 24 17.08 6.91 4.75
C ARG B 24 15.63 6.84 4.28
N GLY B 25 14.71 7.17 5.19
CA GLY B 25 13.29 7.29 4.86
C GLY B 25 12.72 6.15 4.03
N LEU B 26 11.96 6.50 3.00
CA LEU B 26 11.35 5.50 2.13
C LEU B 26 12.36 4.88 1.17
N GLY B 27 13.40 5.64 0.85
CA GLY B 27 14.41 5.19 -0.10
C GLY B 27 15.24 4.04 0.42
N GLU B 28 15.47 4.04 1.74
CA GLU B 28 16.35 3.05 2.38
C GLU B 28 15.89 1.62 2.14
N GLY B 29 14.57 1.44 2.03
CA GLY B 29 14.00 0.13 1.78
C GLY B 29 14.61 -0.50 0.54
N ALA B 30 14.63 0.25 -0.55
CA ALA B 30 15.20 -0.21 -1.81
C ALA B 30 16.69 -0.50 -1.65
N ARG B 31 17.42 0.41 -1.02
CA ARG B 31 18.85 0.25 -0.79
C ARG B 31 19.14 -1.06 -0.07
N LEU B 32 18.40 -1.31 1.00
CA LEU B 32 18.55 -2.53 1.79
C LEU B 32 18.33 -3.77 0.93
N ILE B 33 17.37 -3.69 0.02
CA ILE B 33 17.03 -4.82 -0.83
C ILE B 33 18.16 -5.09 -1.84
N PHE B 34 18.77 -4.03 -2.36
CA PHE B 34 19.91 -4.18 -3.24
C PHE B 34 21.07 -4.84 -2.52
N HIS B 35 21.43 -4.30 -1.36
CA HIS B 35 22.60 -4.76 -0.64
C HIS B 35 22.46 -6.20 -0.15
N GLN B 36 21.26 -6.60 0.22
CA GLN B 36 21.02 -7.98 0.62
C GLN B 36 21.32 -8.90 -0.55
N ALA B 37 20.79 -8.56 -1.72
CA ALA B 37 20.94 -9.36 -2.92
C ALA B 37 22.34 -9.23 -3.52
N GLY B 38 23.10 -8.24 -3.07
CA GLY B 38 24.43 -8.00 -3.59
C GLY B 38 24.39 -7.49 -5.02
N VAL B 39 23.32 -6.80 -5.36
CA VAL B 39 23.14 -6.24 -6.69
C VAL B 39 23.57 -4.77 -6.69
N LYS B 40 24.45 -4.41 -7.62
CA LYS B 40 24.98 -3.05 -7.70
C LYS B 40 23.96 -2.13 -8.36
N PHE B 41 23.96 -0.88 -7.92
CA PHE B 41 23.02 0.13 -8.43
C PHE B 41 23.56 1.51 -8.13
N GLU B 42 23.09 2.52 -8.87
CA GLU B 42 23.44 3.89 -8.58
C GLU B 42 22.56 4.44 -7.46
N ASP B 43 23.16 4.66 -6.30
CA ASP B 43 22.46 5.24 -5.17
C ASP B 43 22.45 6.75 -5.32
N ASN B 44 21.63 7.25 -6.23
CA ASN B 44 21.57 8.68 -6.52
C ASN B 44 20.87 9.44 -5.40
N ARG B 45 21.65 9.93 -4.45
CA ARG B 45 21.12 10.73 -3.36
C ARG B 45 21.08 12.19 -3.79
N LEU B 46 19.87 12.76 -3.78
CA LEU B 46 19.59 14.03 -4.43
C LEU B 46 19.70 15.20 -3.45
N LYS B 47 20.37 16.26 -3.88
CA LYS B 47 20.51 17.47 -3.07
C LYS B 47 19.20 18.26 -3.12
N ARG B 48 18.88 18.91 -2.01
CA ARG B 48 17.70 19.77 -1.93
C ARG B 48 17.70 20.76 -3.08
N GLU B 49 18.91 21.17 -3.46
CA GLU B 49 19.14 22.10 -4.56
C GLU B 49 18.51 21.63 -5.88
N ASP B 50 18.55 20.33 -6.13
CA ASP B 50 18.13 19.78 -7.42
C ASP B 50 16.69 19.27 -7.44
N TRP B 51 16.03 19.28 -6.28
CA TRP B 51 14.68 18.74 -6.19
C TRP B 51 13.63 19.56 -6.94
N PRO B 52 13.70 20.90 -6.86
CA PRO B 52 12.70 21.72 -7.57
C PRO B 52 12.66 21.49 -9.07
N ALA B 53 13.81 21.23 -9.69
CA ALA B 53 13.86 21.01 -11.13
C ALA B 53 13.33 19.63 -11.49
N LEU B 54 13.65 18.65 -10.66
CA LEU B 54 13.27 17.26 -10.93
C LEU B 54 11.78 17.00 -10.67
N LYS B 55 11.26 17.61 -9.60
CA LYS B 55 9.90 17.35 -9.13
C LYS B 55 8.84 17.31 -10.25
N PRO B 56 8.76 18.34 -11.09
CA PRO B 56 7.74 18.32 -12.14
C PRO B 56 7.96 17.25 -13.21
N LYS B 57 9.17 16.71 -13.30
CA LYS B 57 9.48 15.68 -14.29
C LYS B 57 9.13 14.28 -13.79
N THR B 58 8.81 14.16 -12.50
CA THR B 58 8.53 12.86 -11.90
C THR B 58 7.06 12.48 -12.14
N PRO B 59 6.74 11.19 -12.03
CA PRO B 59 5.37 10.73 -12.30
C PRO B 59 4.33 11.36 -11.38
N PHE B 60 4.60 11.39 -10.07
CA PHE B 60 3.63 11.84 -9.09
C PHE B 60 4.13 13.02 -8.25
N GLY B 61 5.26 13.60 -8.64
CA GLY B 61 5.79 14.75 -7.95
C GLY B 61 6.57 14.39 -6.69
N GLN B 62 6.98 13.13 -6.58
CA GLN B 62 7.65 12.65 -5.37
C GLN B 62 8.74 11.62 -5.64
N LEU B 63 9.55 11.38 -4.61
CA LEU B 63 10.54 10.31 -4.61
C LEU B 63 10.14 9.34 -3.50
N PRO B 64 10.70 8.12 -3.50
CA PRO B 64 11.74 7.55 -4.36
C PRO B 64 11.28 7.20 -5.77
N LEU B 65 12.24 7.10 -6.68
CA LEU B 65 12.02 6.58 -8.02
C LEU B 65 13.07 5.52 -8.31
N LEU B 66 12.67 4.49 -9.05
CA LEU B 66 13.60 3.48 -9.53
C LEU B 66 13.69 3.55 -11.05
N GLU B 67 14.91 3.67 -11.55
CA GLU B 67 15.14 3.61 -12.98
C GLU B 67 15.71 2.26 -13.37
N VAL B 68 15.03 1.58 -14.28
CA VAL B 68 15.44 0.26 -14.75
C VAL B 68 15.70 0.31 -16.24
N ASP B 69 16.97 0.40 -16.61
CA ASP B 69 17.36 0.57 -18.01
C ASP B 69 16.58 1.73 -18.64
N GLY B 70 16.56 2.86 -17.94
CA GLY B 70 15.90 4.05 -18.44
C GLY B 70 14.46 4.22 -17.99
N GLU B 71 13.74 3.11 -17.84
CA GLU B 71 12.32 3.20 -17.50
C GLU B 71 12.10 3.53 -16.02
N VAL B 72 11.16 4.43 -15.78
CA VAL B 72 10.93 4.98 -14.44
C VAL B 72 9.76 4.30 -13.73
N LEU B 73 9.96 3.99 -12.46
CA LEU B 73 8.92 3.42 -11.61
C LEU B 73 8.86 4.18 -10.30
N ALA B 74 7.68 4.69 -9.95
CA ALA B 74 7.49 5.46 -8.72
C ALA B 74 6.83 4.60 -7.65
N GLN B 75 6.61 5.19 -6.48
CA GLN B 75 5.96 4.53 -5.34
C GLN B 75 6.84 3.44 -4.71
N SER B 76 7.28 3.73 -3.48
CA SER B 76 8.25 2.89 -2.76
C SER B 76 7.86 1.42 -2.66
N ALA B 77 6.62 1.14 -2.25
CA ALA B 77 6.19 -0.25 -2.06
C ALA B 77 6.24 -1.03 -3.36
N ALA B 78 5.88 -0.38 -4.46
CA ALA B 78 5.97 -0.99 -5.77
C ALA B 78 7.43 -1.27 -6.11
N ILE B 79 8.30 -0.37 -5.67
CA ILE B 79 9.73 -0.52 -5.89
C ILE B 79 10.29 -1.70 -5.07
N TYR B 80 9.89 -1.77 -3.80
CA TYR B 80 10.32 -2.87 -2.94
C TYR B 80 9.94 -4.21 -3.56
N ARG B 81 8.69 -4.32 -3.97
CA ARG B 81 8.16 -5.57 -4.49
C ARG B 81 8.83 -5.96 -5.80
N TYR B 82 9.05 -4.97 -6.65
CA TYR B 82 9.69 -5.22 -7.94
C TYR B 82 11.09 -5.76 -7.74
N LEU B 83 11.87 -5.09 -6.89
CA LEU B 83 13.21 -5.54 -6.54
C LEU B 83 13.18 -6.90 -5.88
N GLY B 84 12.23 -7.08 -4.96
CA GLY B 84 12.12 -8.32 -4.21
C GLY B 84 11.92 -9.52 -5.11
N ARG B 85 11.00 -9.38 -6.07
CA ARG B 85 10.70 -10.46 -7.00
C ARG B 85 11.86 -10.72 -7.95
N GLN B 86 12.52 -9.65 -8.39
CA GLN B 86 13.68 -9.77 -9.26
C GLN B 86 14.81 -10.55 -8.59
N PHE B 87 14.93 -10.40 -7.27
CA PHE B 87 16.07 -10.94 -6.53
C PHE B 87 15.71 -12.18 -5.70
N GLY B 88 14.52 -12.72 -5.91
CA GLY B 88 14.10 -13.90 -5.18
C GLY B 88 13.98 -13.67 -3.69
N LEU B 89 13.55 -12.47 -3.31
CA LEU B 89 13.34 -12.11 -1.90
C LEU B 89 11.88 -11.75 -1.68
N ALA B 90 10.99 -12.43 -2.39
CA ALA B 90 9.57 -12.09 -2.38
C ALA B 90 8.69 -13.23 -1.87
N GLY B 91 9.27 -14.42 -1.72
CA GLY B 91 8.51 -15.59 -1.32
C GLY B 91 8.65 -16.70 -2.35
N LYS B 92 8.52 -17.94 -1.90
CA LYS B 92 8.76 -19.10 -2.76
C LYS B 92 7.51 -19.60 -3.51
N THR B 93 6.34 -19.07 -3.14
CA THR B 93 5.10 -19.42 -3.83
C THR B 93 4.21 -18.20 -4.02
N PRO B 94 3.21 -18.29 -4.92
CA PRO B 94 2.27 -17.19 -5.13
C PRO B 94 1.52 -16.77 -3.87
N MET B 95 1.18 -17.72 -3.01
CA MET B 95 0.48 -17.39 -1.77
C MET B 95 1.45 -16.76 -0.77
N GLU B 96 2.70 -17.20 -0.80
CA GLU B 96 3.73 -16.63 0.07
C GLU B 96 3.99 -15.17 -0.29
N GLU B 97 4.11 -14.89 -1.58
CA GLU B 97 4.30 -13.53 -2.06
C GLU B 97 3.18 -12.63 -1.56
N ALA B 98 1.97 -13.18 -1.53
CA ALA B 98 0.81 -12.44 -1.05
C ALA B 98 0.90 -12.20 0.45
N GLN B 99 1.34 -13.22 1.19
CA GLN B 99 1.50 -13.11 2.63
C GLN B 99 2.56 -12.06 2.96
N VAL B 100 3.59 -11.97 2.12
CA VAL B 100 4.61 -10.94 2.27
C VAL B 100 3.97 -9.58 2.06
N ASP B 101 3.18 -9.44 1.01
CA ASP B 101 2.47 -8.20 0.73
C ASP B 101 1.55 -7.86 1.90
N SER B 102 0.92 -8.88 2.47
CA SER B 102 -0.08 -8.69 3.51
C SER B 102 0.53 -8.08 4.76
N ILE B 103 1.64 -8.65 5.24
CA ILE B 103 2.24 -8.16 6.47
C ILE B 103 2.82 -6.77 6.30
N PHE B 104 3.32 -6.46 5.11
CA PHE B 104 3.87 -5.13 4.87
C PHE B 104 2.78 -4.07 4.80
N ASP B 105 1.63 -4.44 4.26
CA ASP B 105 0.48 -3.53 4.22
C ASP B 105 0.01 -3.20 5.64
N GLN B 106 0.09 -4.18 6.53
CA GLN B 106 -0.29 -3.95 7.92
C GLN B 106 0.74 -3.03 8.58
N PHE B 107 2.01 -3.25 8.25
CA PHE B 107 3.07 -2.37 8.70
C PHE B 107 2.85 -0.96 8.16
N LYS B 108 2.36 -0.88 6.93
CA LYS B 108 2.04 0.40 6.31
C LYS B 108 0.92 1.12 7.06
N ASP B 109 -0.10 0.37 7.49
CA ASP B 109 -1.19 0.95 8.28
C ASP B 109 -0.65 1.52 9.59
N PHE B 110 0.24 0.76 10.22
CA PHE B 110 0.88 1.21 11.45
C PHE B 110 1.64 2.50 11.21
N MET B 111 2.46 2.53 10.17
CA MET B 111 3.23 3.72 9.81
C MET B 111 2.33 4.91 9.52
N ALA B 112 1.15 4.66 8.98
CA ALA B 112 0.22 5.72 8.63
C ALA B 112 -0.25 6.48 9.87
N GLU B 113 -0.12 5.86 11.04
CA GLU B 113 -0.48 6.49 12.30
C GLU B 113 0.67 7.36 12.78
N LEU B 114 1.88 6.84 12.68
CA LEU B 114 3.06 7.47 13.28
C LEU B 114 3.63 8.62 12.45
N ARG B 115 3.84 8.37 11.16
CA ARG B 115 4.58 9.29 10.31
C ARG B 115 4.06 10.73 10.30
N PRO B 116 2.74 10.93 10.29
CA PRO B 116 2.20 12.29 10.33
C PRO B 116 2.60 13.08 11.57
N CYS B 117 3.07 12.37 12.60
CA CYS B 117 3.50 13.00 13.85
C CYS B 117 5.01 12.93 14.04
N PHE B 118 5.71 12.53 12.98
CA PHE B 118 7.15 12.31 13.05
C PHE B 118 7.93 13.59 13.41
N ARG B 119 7.57 14.69 12.75
CA ARG B 119 8.34 15.92 12.86
C ARG B 119 8.19 16.59 14.22
N VAL B 120 6.98 16.54 14.78
CA VAL B 120 6.76 17.04 16.13
C VAL B 120 7.60 16.20 17.10
N LEU B 121 7.69 14.91 16.83
CA LEU B 121 8.44 14.01 17.69
C LEU B 121 9.95 14.15 17.49
N ALA B 122 10.36 14.47 16.26
CA ALA B 122 11.77 14.70 15.97
C ALA B 122 12.18 16.09 16.46
N GLY B 123 11.19 16.94 16.71
CA GLY B 123 11.43 18.28 17.21
C GLY B 123 11.50 19.33 16.11
N PHE B 124 11.31 18.91 14.87
CA PHE B 124 11.39 19.81 13.72
C PHE B 124 10.17 20.71 13.61
N GLU B 125 9.07 20.28 14.25
CA GLU B 125 7.82 21.05 14.23
C GLU B 125 7.35 21.32 15.64
N GLU B 126 6.84 22.54 15.86
CA GLU B 126 6.40 22.96 17.19
C GLU B 126 5.19 22.15 17.64
N GLY B 127 5.27 21.56 18.83
CA GLY B 127 4.16 20.80 19.37
C GLY B 127 4.48 20.10 20.67
N ASP B 128 3.45 19.54 21.28
CA ASP B 128 3.56 18.84 22.56
C ASP B 128 3.96 17.39 22.32
N LYS B 129 5.24 17.10 22.46
CA LYS B 129 5.75 15.75 22.28
C LYS B 129 5.09 14.78 23.24
N GLU B 130 4.98 15.17 24.50
CA GLU B 130 4.39 14.33 25.54
C GLU B 130 2.95 13.95 25.20
N LYS B 131 2.19 14.92 24.70
CA LYS B 131 0.81 14.68 24.29
C LYS B 131 0.76 13.65 23.17
N VAL B 132 1.49 13.92 22.09
CA VAL B 132 1.51 13.06 20.91
C VAL B 132 1.85 11.61 21.28
N LEU B 133 2.81 11.44 22.18
CA LEU B 133 3.20 10.09 22.59
C LEU B 133 2.01 9.34 23.21
N LYS B 134 1.31 10.01 24.12
CA LYS B 134 0.23 9.37 24.86
C LYS B 134 -1.05 9.25 24.02
N GLU B 135 -1.28 10.21 23.13
CA GLU B 135 -2.54 10.29 22.39
C GLU B 135 -2.47 9.72 20.97
N VAL B 136 -1.27 9.47 20.45
CA VAL B 136 -1.11 8.96 19.08
C VAL B 136 -0.10 7.83 18.96
N ALA B 137 1.10 8.02 19.51
CA ALA B 137 2.17 7.05 19.34
C ALA B 137 1.94 5.74 20.09
N VAL B 138 1.77 5.87 21.38
CA VAL B 138 1.69 4.69 22.24
C VAL B 138 0.40 3.87 22.01
N PRO B 139 -0.69 4.50 21.67
CA PRO B 139 -1.87 3.70 21.31
C PRO B 139 -1.68 2.97 19.99
N ALA B 140 -1.05 3.62 19.02
CA ALA B 140 -0.75 2.99 17.74
C ALA B 140 0.20 1.82 17.95
N ARG B 141 1.25 2.07 18.70
CA ARG B 141 2.21 1.06 19.09
C ARG B 141 1.53 -0.14 19.73
N ASP B 142 0.65 0.14 20.69
CA ASP B 142 -0.01 -0.91 21.46
C ASP B 142 -0.97 -1.73 20.61
N LYS B 143 -1.56 -1.12 19.59
CA LYS B 143 -2.47 -1.85 18.71
C LYS B 143 -1.72 -2.71 17.70
N HIS B 144 -0.69 -2.15 17.09
CA HIS B 144 -0.07 -2.75 15.90
C HIS B 144 1.03 -3.78 16.19
N LEU B 145 1.87 -3.49 17.17
CA LEU B 145 2.98 -4.39 17.49
C LEU B 145 2.51 -5.81 17.83
N PRO B 146 1.48 -5.96 18.66
CA PRO B 146 0.98 -7.31 18.90
C PRO B 146 0.54 -8.03 17.62
N LEU B 147 0.00 -7.28 16.67
CA LEU B 147 -0.45 -7.87 15.40
C LEU B 147 0.73 -8.32 14.54
N LEU B 148 1.80 -7.54 14.55
CA LEU B 148 3.02 -7.92 13.81
C LEU B 148 3.67 -9.11 14.49
N GLU B 149 3.65 -9.13 15.82
CA GLU B 149 4.28 -10.18 16.60
C GLU B 149 3.48 -11.47 16.47
N LYS B 150 2.15 -11.34 16.44
CA LYS B 150 1.27 -12.48 16.25
C LYS B 150 1.58 -13.17 14.92
N PHE B 151 1.65 -12.37 13.86
CA PHE B 151 1.93 -12.84 12.52
C PHE B 151 3.29 -13.53 12.48
N LEU B 152 4.26 -12.93 13.15
CA LEU B 152 5.61 -13.46 13.21
C LEU B 152 5.64 -14.84 13.88
N ALA B 153 4.67 -15.09 14.75
CA ALA B 153 4.60 -16.34 15.49
C ALA B 153 3.96 -17.45 14.67
N LYS B 154 3.22 -17.09 13.63
CA LYS B 154 2.69 -18.09 12.70
C LYS B 154 3.86 -18.91 12.19
N SER B 155 4.89 -18.21 11.76
CA SER B 155 6.00 -18.79 11.04
C SER B 155 6.74 -19.83 11.88
N GLY B 156 7.21 -19.41 13.06
CA GLY B 156 8.09 -20.24 13.85
C GLY B 156 9.52 -20.05 13.37
N SER B 157 9.67 -19.77 12.08
CA SER B 157 10.93 -19.32 11.53
C SER B 157 11.20 -17.90 12.04
N GLU B 158 12.36 -17.35 11.70
CA GLU B 158 12.78 -16.05 12.21
C GLU B 158 12.19 -14.89 11.41
N TYR B 159 11.42 -15.20 10.37
CA TYR B 159 10.86 -14.18 9.48
C TYR B 159 9.34 -14.23 9.42
N MET B 160 8.74 -13.16 8.91
CA MET B 160 7.29 -13.05 8.83
C MET B 160 6.73 -14.17 7.97
N VAL B 161 7.37 -14.41 6.82
CA VAL B 161 6.94 -15.46 5.90
C VAL B 161 8.16 -16.29 5.50
N GLY B 162 8.00 -17.61 5.49
CA GLY B 162 9.03 -18.51 5.00
C GLY B 162 10.24 -18.62 5.90
N LYS B 163 11.18 -19.47 5.50
CA LYS B 163 12.36 -19.77 6.30
C LYS B 163 13.56 -18.90 5.95
N SER B 164 13.39 -18.01 4.98
CA SER B 164 14.45 -17.08 4.57
C SER B 164 13.93 -15.66 4.45
N VAL B 165 14.85 -14.70 4.48
CA VAL B 165 14.50 -13.28 4.50
C VAL B 165 13.76 -12.85 3.24
N THR B 166 12.82 -11.91 3.39
CA THR B 166 12.12 -11.31 2.26
C THR B 166 12.27 -9.79 2.32
N TRP B 167 11.80 -9.10 1.29
CA TRP B 167 11.95 -7.65 1.21
C TRP B 167 11.14 -6.95 2.30
N ALA B 168 10.02 -7.55 2.70
CA ALA B 168 9.20 -6.98 3.76
C ALA B 168 9.97 -7.00 5.07
N ASP B 169 10.72 -8.06 5.30
CA ASP B 169 11.54 -8.17 6.51
C ASP B 169 12.58 -7.05 6.57
N LEU B 170 13.23 -6.79 5.45
CA LEU B 170 14.30 -5.79 5.39
C LEU B 170 13.78 -4.39 5.68
N VAL B 171 12.65 -4.03 5.08
CA VAL B 171 12.10 -2.68 5.21
C VAL B 171 11.47 -2.47 6.58
N ILE B 172 10.72 -3.46 7.05
CA ILE B 172 10.03 -3.38 8.33
C ILE B 172 11.02 -3.17 9.47
N THR B 173 12.00 -4.07 9.58
CA THR B 173 12.94 -4.05 10.69
C THR B 173 13.78 -2.79 10.71
N ASP B 174 14.12 -2.26 9.54
CA ASP B 174 14.91 -1.02 9.48
C ASP B 174 14.09 0.15 10.01
N SER B 175 12.83 0.21 9.59
CA SER B 175 11.95 1.30 9.99
C SER B 175 11.66 1.23 11.50
N LEU B 176 11.34 0.04 11.98
CA LEU B 176 11.09 -0.16 13.41
C LEU B 176 12.32 0.23 14.21
N ALA B 177 13.49 -0.18 13.74
CA ALA B 177 14.75 0.13 14.41
C ALA B 177 14.93 1.64 14.53
N SER B 178 14.60 2.37 13.47
CA SER B 178 14.74 3.82 13.45
C SER B 178 13.73 4.48 14.40
N TRP B 179 12.50 3.98 14.39
CA TRP B 179 11.46 4.52 15.26
C TRP B 179 11.78 4.29 16.73
N GLU B 180 12.58 3.28 17.00
CA GLU B 180 13.01 2.98 18.36
C GLU B 180 13.84 4.14 18.91
N SER B 181 14.38 4.95 18.00
CA SER B 181 15.23 6.09 18.38
C SER B 181 14.41 7.34 18.68
N LEU B 182 13.20 7.41 18.11
CA LEU B 182 12.31 8.56 18.31
C LEU B 182 11.41 8.36 19.53
N ILE B 183 11.19 7.10 19.90
CA ILE B 183 10.22 6.73 20.91
C ILE B 183 10.88 5.79 21.92
N PRO B 184 11.12 6.25 23.15
CA PRO B 184 11.75 5.35 24.11
C PRO B 184 10.84 4.19 24.50
N ASP B 185 11.41 3.00 24.58
CA ASP B 185 10.67 1.81 24.98
C ASP B 185 9.58 1.47 23.95
N PHE B 186 9.82 1.87 22.71
CA PHE B 186 8.94 1.59 21.57
C PHE B 186 8.70 0.09 21.40
N LEU B 187 9.74 -0.70 21.65
CA LEU B 187 9.66 -2.15 21.50
C LEU B 187 9.58 -2.87 22.85
N SER B 188 9.70 -2.10 23.92
CA SER B 188 9.60 -2.67 25.27
C SER B 188 8.29 -3.43 25.44
N GLY B 189 8.38 -4.70 25.76
CA GLY B 189 7.22 -5.56 25.91
C GLY B 189 7.07 -6.56 24.78
N HIS B 190 7.89 -6.40 23.74
CA HIS B 190 7.81 -7.23 22.54
C HIS B 190 9.18 -7.76 22.14
N LEU B 191 9.67 -8.76 22.86
CA LEU B 191 11.01 -9.29 22.61
C LEU B 191 11.09 -10.09 21.33
N GLN B 192 9.98 -10.71 20.94
CA GLN B 192 9.95 -11.50 19.70
C GLN B 192 10.22 -10.61 18.51
N LEU B 193 9.76 -9.36 18.58
CA LEU B 193 10.09 -8.37 17.56
C LEU B 193 11.53 -7.88 17.72
N LYS B 194 11.96 -7.71 18.96
CA LYS B 194 13.32 -7.27 19.24
C LYS B 194 14.34 -8.26 18.68
N LYS B 195 14.10 -9.55 18.88
CA LYS B 195 14.96 -10.59 18.32
C LYS B 195 14.91 -10.55 16.81
N TYR B 196 13.68 -10.48 16.28
CA TYR B 196 13.43 -10.42 14.85
C TYR B 196 14.22 -9.30 14.17
N ILE B 197 14.24 -8.14 14.81
CA ILE B 197 14.98 -6.99 14.30
C ILE B 197 16.49 -7.22 14.44
N GLU B 198 16.90 -7.83 15.55
CA GLU B 198 18.31 -8.14 15.78
C GLU B 198 18.82 -9.10 14.71
N HIS B 199 18.01 -10.11 14.42
CA HIS B 199 18.38 -11.15 13.47
C HIS B 199 18.62 -10.59 12.06
N VAL B 200 17.59 -9.98 11.49
CA VAL B 200 17.65 -9.46 10.12
C VAL B 200 18.83 -8.52 9.93
N ARG B 201 19.08 -7.67 10.93
CA ARG B 201 20.14 -6.67 10.82
C ARG B 201 21.51 -7.25 11.11
N GLU B 202 21.55 -8.50 11.56
CA GLU B 202 22.81 -9.22 11.74
C GLU B 202 23.15 -10.05 10.51
N LEU B 203 22.26 -10.07 9.52
CA LEU B 203 22.56 -10.67 8.22
C LEU B 203 23.79 -9.98 7.65
N PRO B 204 24.78 -10.76 7.15
CA PRO B 204 26.08 -10.21 6.74
C PRO B 204 26.01 -8.99 5.83
N ASN B 205 25.22 -9.04 4.77
CA ASN B 205 25.14 -7.94 3.82
C ASN B 205 24.45 -6.71 4.41
N ILE B 206 23.43 -6.95 5.23
CA ILE B 206 22.74 -5.87 5.92
C ILE B 206 23.65 -5.29 6.99
N LYS B 207 24.30 -6.16 7.74
CA LYS B 207 25.20 -5.74 8.80
C LYS B 207 26.30 -4.87 8.23
N LYS B 208 26.80 -5.25 7.06
CA LYS B 208 27.83 -4.48 6.37
C LYS B 208 27.28 -3.11 5.98
N TRP B 209 26.14 -3.12 5.30
CA TRP B 209 25.54 -1.88 4.80
C TRP B 209 25.26 -0.87 5.91
N ILE B 210 24.71 -1.35 7.03
CA ILE B 210 24.37 -0.48 8.14
C ILE B 210 25.62 0.21 8.70
N ALA B 211 26.75 -0.48 8.63
CA ALA B 211 28.01 0.05 9.15
C ALA B 211 28.57 1.17 8.28
N GLU B 212 28.36 1.06 6.97
CA GLU B 212 29.00 1.96 6.00
C GLU B 212 28.07 3.09 5.56
N ARG B 213 26.77 2.85 5.61
CA ARG B 213 25.81 3.82 5.08
C ARG B 213 25.91 5.15 5.81
N PRO B 214 25.53 6.25 5.14
CA PRO B 214 25.64 7.58 5.76
C PRO B 214 24.78 7.72 7.01
N LYS B 215 25.35 8.33 8.05
CA LYS B 215 24.61 8.63 9.26
C LYS B 215 23.70 9.83 9.00
N THR B 216 22.39 9.60 9.05
CA THR B 216 21.40 10.63 8.80
C THR B 216 20.40 10.62 9.94
N PRO B 217 19.65 11.73 10.12
CA PRO B 217 18.77 11.80 11.31
C PRO B 217 17.61 10.81 11.23
N TYR B 218 17.13 10.54 10.03
CA TYR B 218 16.01 9.61 9.85
C TYR B 218 16.02 9.03 8.43
N1 GSH C . -5.52 -1.94 5.61
CA1 GSH C . -6.67 -2.77 5.65
C1 GSH C . -6.98 -3.27 4.26
O11 GSH C . -7.54 -4.38 4.09
O12 GSH C . -6.67 -2.58 3.26
CB1 GSH C . -7.84 -1.95 6.19
CG1 GSH C . -9.02 -2.87 6.48
CD1 GSH C . -10.10 -2.12 7.27
OE1 GSH C . -9.90 -0.99 7.65
N2 GSH C . -11.34 -2.79 7.57
CA2 GSH C . -12.38 -2.15 8.32
C2 GSH C . -12.76 -3.07 9.47
O2 GSH C . -12.44 -4.24 9.43
CB2 GSH C . -13.59 -1.92 7.46
SG2 GSH C . -13.15 -0.97 6.03
N3 GSH C . -13.50 -2.57 10.60
CA3 GSH C . -13.85 -3.44 11.70
C3 GSH C . -12.70 -3.50 12.70
O31 GSH C . -11.56 -3.07 12.39
O32 GSH C . -12.89 -4.00 13.84
SG2 GSH D . -11.93 15.05 7.71
N1 GSH E . 3.40 7.02 -1.41
CA1 GSH E . 4.70 7.47 -1.78
C1 GSH E . 5.67 6.30 -1.74
O11 GSH E . 6.67 6.29 -2.49
O12 GSH E . 5.47 5.35 -0.95
CB1 GSH E . 5.16 8.55 -0.82
CG1 GSH E . 6.45 9.20 -1.33
CD1 GSH E . 6.78 10.48 -0.56
OE1 GSH E . 5.98 10.94 0.23
N2 GSH E . 8.05 11.13 -0.76
CA2 GSH E . 8.42 12.33 -0.08
C2 GSH E . 8.72 13.42 -1.10
O2 GSH E . 9.01 13.12 -2.24
CB2 GSH E . 9.66 12.11 0.74
SG2 GSH E . 9.39 10.83 1.92
N3 GSH E . 8.68 14.81 -0.70
CA3 GSH E . 8.96 15.85 -1.65
C3 GSH E . 7.66 16.36 -2.26
O31 GSH E . 6.59 15.73 -2.09
O32 GSH E . 7.66 17.42 -2.95
CB2 GSH F . 0.15 14.69 13.47
SG2 GSH F . 0.57 14.28 15.14
#